data_7GT1
#
_entry.id   7GT1
#
_cell.length_a   90.565
_cell.length_b   90.565
_cell.length_c   106.935
_cell.angle_alpha   90.000
_cell.angle_beta   90.000
_cell.angle_gamma   120.000
#
_symmetry.space_group_name_H-M   'P 31 2 1'
#
loop_
_entity.id
_entity.type
_entity.pdbx_description
1 polymer 'Tyrosine-protein phosphatase non-receptor type 1'
2 non-polymer 2-AMINO-2-HYDROXYMETHYL-PROPANE-1,3-DIOL
3 non-polymer (2S)-2-(2-chloro-6-fluorophenyl)-2,3-dihydroquinazolin-4(1H)-one
4 water water
#
_entity_poly.entity_id   1
_entity_poly.type   'polypeptide(L)'
_entity_poly.pdbx_seq_one_letter_code
;MEMEKEFEQIDKSGSWAAIYQDIRHEASDFPSRVAKLPKNKNRNRYRDVSPFDHSRIKLHQEDNDYINASLIKMEEAQRS
YILTQGPLPNTVGHFWEMVWEQKSRGVVMLNRVMEKGSLKCAQYWPQKEEKEMIFEDTNLKLTLISEDIKSYYTVRQLEL
ENLTTQETREILHFHYTTWPDFGVPESPASFLNFLFKVRESGSLSPEHGPVVVHCSAGIGRSGTFCLADTCLLLMDKRKD
PSSVDIKKVLLEMRKFRMGLIQTADQLRFSYLAVIEGAKFIMGDSSVQDQWKELSHEDLEPPPEHIPPPPRPPKRILEPH
N
;
_entity_poly.pdbx_strand_id   A
#
loop_
_chem_comp.id
_chem_comp.type
_chem_comp.name
_chem_comp.formula
A1ABH non-polymer (2S)-2-(2-chloro-6-fluorophenyl)-2,3-dihydroquinazolin-4(1H)-one 'C14 H10 Cl F N2 O'
TRS non-polymer 2-AMINO-2-HYDROXYMETHYL-PROPANE-1,3-DIOL 'C4 H12 N O3 1'
#
# COMPACT_ATOMS: atom_id res chain seq x y z
N MET A 1 -9.32 -16.36 20.15
CA MET A 1 -8.61 -17.64 19.82
C MET A 1 -7.25 -17.31 19.21
N GLU A 2 -6.16 -17.67 19.89
CA GLU A 2 -4.77 -17.55 19.37
C GLU A 2 -4.84 -17.83 17.85
N MET A 3 -4.30 -16.94 17.03
CA MET A 3 -4.39 -17.03 15.55
C MET A 3 -3.56 -18.22 15.06
N GLU A 4 -2.44 -18.54 15.72
CA GLU A 4 -1.54 -19.68 15.38
C GLU A 4 -2.30 -21.01 15.42
N LYS A 5 -3.29 -21.13 16.30
CA LYS A 5 -4.09 -22.37 16.48
C LYS A 5 -5.20 -22.34 15.44
N GLU A 6 -5.90 -21.21 15.32
CA GLU A 6 -6.88 -20.96 14.23
C GLU A 6 -6.22 -21.34 12.91
N PHE A 7 -4.92 -21.03 12.72
CA PHE A 7 -4.14 -21.23 11.47
C PHE A 7 -4.04 -22.73 11.14
N GLU A 8 -3.51 -23.49 12.10
CA GLU A 8 -3.31 -24.95 11.97
C GLU A 8 -4.67 -25.64 11.77
N GLN A 9 -5.73 -25.18 12.43
CA GLN A 9 -7.13 -25.68 12.30
C GLN A 9 -7.65 -25.45 10.87
N ILE A 10 -7.45 -24.26 10.28
CA ILE A 10 -7.88 -23.98 8.86
C ILE A 10 -7.02 -24.82 7.91
N ASP A 11 -5.71 -24.94 8.20
CA ASP A 11 -4.75 -25.61 7.29
C ASP A 11 -5.05 -27.11 7.27
N LYS A 12 -5.23 -27.71 8.43
CA LYS A 12 -5.51 -29.17 8.52
C LYS A 12 -6.86 -29.45 7.86
N SER A 13 -7.84 -28.55 8.00
CA SER A 13 -9.19 -28.70 7.39
C SER A 13 -9.19 -28.27 5.92
N GLY A 14 -8.13 -27.60 5.45
CA GLY A 14 -8.07 -26.94 4.13
C GLY A 14 -9.33 -26.12 3.85
N SER A 15 -9.69 -25.16 4.71
CA SER A 15 -10.89 -24.31 4.49
C SER A 15 -10.53 -22.85 4.10
N TRP A 16 -9.32 -22.58 3.59
CA TRP A 16 -8.88 -21.19 3.30
C TRP A 16 -9.92 -20.52 2.38
N ALA A 17 -10.35 -21.22 1.33
CA ALA A 17 -11.32 -20.69 0.34
C ALA A 17 -12.64 -20.32 1.02
N ALA A 18 -13.06 -21.11 2.01
CA ALA A 18 -14.34 -20.90 2.72
C ALA A 18 -14.25 -19.69 3.67
N ILE A 19 -13.17 -19.54 4.43
CA ILE A 19 -12.92 -18.32 5.28
C ILE A 19 -12.94 -17.08 4.37
N TYR A 20 -12.18 -17.13 3.25
CA TYR A 20 -11.98 -15.95 2.35
C TYR A 20 -13.34 -15.52 1.83
N GLN A 21 -14.18 -16.47 1.41
CA GLN A 21 -15.52 -16.12 0.82
C GLN A 21 -16.41 -15.50 1.90
N ASP A 22 -16.32 -15.92 3.16
CA ASP A 22 -17.08 -15.31 4.29
C ASP A 22 -16.72 -13.81 4.44
N ILE A 23 -15.43 -13.49 4.36
CA ILE A 23 -14.95 -12.07 4.38
C ILE A 23 -15.59 -11.30 3.21
N ARG A 24 -15.49 -11.83 1.98
CA ARG A 24 -16.05 -11.18 0.77
C ARG A 24 -17.55 -10.90 0.98
N HIS A 25 -18.26 -11.85 1.56
CA HIS A 25 -19.73 -11.73 1.81
C HIS A 25 -20.06 -10.64 2.83
N GLU A 26 -19.29 -10.47 3.90
CA GLU A 26 -19.57 -9.51 5.01
C GLU A 26 -18.97 -8.12 4.76
N ALA A 27 -18.14 -7.95 3.74
CA ALA A 27 -17.39 -6.70 3.47
C ALA A 27 -18.37 -5.58 3.16
N SER A 28 -18.02 -4.36 3.55
CA SER A 28 -18.78 -3.11 3.32
C SER A 28 -18.98 -2.84 1.83
N ASP A 29 -20.08 -2.16 1.51
CA ASP A 29 -20.39 -1.67 0.14
C ASP A 29 -20.85 -0.23 0.25
N PHE A 30 -20.08 0.71 -0.29
CA PHE A 30 -20.37 2.15 -0.25
C PHE A 30 -20.29 2.64 -1.69
N PRO A 31 -20.93 3.77 -2.00
CA PRO A 31 -20.86 4.36 -3.33
C PRO A 31 -19.47 4.89 -3.73
N SER A 32 -19.18 4.71 -5.03
CA SER A 32 -17.99 5.18 -5.81
C SER A 32 -18.46 5.99 -7.02
N ARG A 33 -19.29 6.99 -6.81
CA ARG A 33 -19.91 7.75 -7.94
C ARG A 33 -18.87 8.61 -8.65
N VAL A 34 -17.96 9.28 -7.94
CA VAL A 34 -16.95 10.14 -8.61
C VAL A 34 -16.07 9.29 -9.55
N ALA A 35 -15.60 8.13 -9.12
CA ALA A 35 -14.73 7.22 -9.89
C ALA A 35 -15.41 6.85 -11.21
N LYS A 36 -16.74 6.74 -11.23
CA LYS A 36 -17.48 6.19 -12.41
C LYS A 36 -17.91 7.32 -13.35
N LEU A 37 -17.67 8.59 -13.06
CA LEU A 37 -17.97 9.68 -14.02
C LEU A 37 -17.16 9.46 -15.31
N PRO A 38 -17.78 9.78 -16.47
CA PRO A 38 -17.10 9.60 -17.76
C PRO A 38 -15.80 10.39 -17.94
N LYS A 39 -15.70 11.60 -17.41
CA LYS A 39 -14.44 12.41 -17.44
C LYS A 39 -13.29 11.64 -16.74
N ASN A 40 -13.53 10.56 -15.98
CA ASN A 40 -12.48 9.92 -15.14
C ASN A 40 -12.09 8.54 -15.68
N LYS A 41 -12.60 8.15 -16.84
CA LYS A 41 -12.38 6.77 -17.32
C LYS A 41 -10.87 6.49 -17.54
N ASN A 42 -10.11 7.44 -18.07
CA ASN A 42 -8.66 7.25 -18.30
C ASN A 42 -7.86 7.47 -17.00
N ARG A 43 -8.49 7.66 -15.83
CA ARG A 43 -7.77 7.86 -14.52
C ARG A 43 -7.82 6.55 -13.72
N ASN A 44 -8.43 5.51 -14.26
CA ASN A 44 -8.65 4.20 -13.59
C ASN A 44 -7.97 3.10 -14.38
N ARG A 45 -7.12 2.34 -13.74
CA ARG A 45 -6.42 1.23 -14.38
C ARG A 45 -7.39 0.07 -14.60
N TYR A 46 -8.24 -0.22 -13.61
CA TYR A 46 -9.18 -1.37 -13.65
C TYR A 46 -10.60 -0.89 -13.37
N ARG A 47 -11.52 -1.35 -14.21
CA ARG A 47 -12.95 -0.97 -14.21
C ARG A 47 -13.62 -1.44 -12.91
N ASP A 48 -13.16 -2.52 -12.29
CA ASP A 48 -13.78 -3.12 -11.08
C ASP A 48 -13.04 -2.70 -9.77
N VAL A 49 -12.14 -1.72 -9.80
CA VAL A 49 -11.38 -1.27 -8.57
C VAL A 49 -11.48 0.24 -8.49
N SER A 50 -12.33 0.73 -7.59
CA SER A 50 -12.60 2.15 -7.41
C SER A 50 -12.49 2.50 -5.94
N PRO A 51 -12.10 3.76 -5.64
CA PRO A 51 -12.16 4.29 -4.29
C PRO A 51 -13.62 4.67 -3.93
N PHE A 52 -14.01 4.40 -2.68
CA PHE A 52 -15.31 4.89 -2.14
C PHE A 52 -15.28 6.41 -2.08
N ASP A 53 -16.44 7.04 -2.32
CA ASP A 53 -16.54 8.52 -2.24
C ASP A 53 -16.17 9.02 -0.82
N HIS A 54 -16.54 8.34 0.26
CA HIS A 54 -16.39 8.90 1.63
C HIS A 54 -14.89 8.96 2.02
N SER A 55 -14.03 8.11 1.44
CA SER A 55 -12.62 7.95 1.89
C SER A 55 -11.62 8.30 0.75
N ARG A 56 -12.08 8.81 -0.40
CA ARG A 56 -11.15 9.05 -1.55
C ARG A 56 -10.22 10.23 -1.21
N ILE A 57 -8.97 10.18 -1.69
CA ILE A 57 -8.07 11.36 -1.66
C ILE A 57 -8.48 12.35 -2.75
N LYS A 58 -8.64 13.62 -2.37
CA LYS A 58 -8.89 14.73 -3.31
C LYS A 58 -7.60 15.52 -3.67
N LEU A 59 -7.36 15.67 -4.96
CA LEU A 59 -6.32 16.60 -5.47
C LEU A 59 -6.77 18.05 -5.24
N HIS A 60 -5.83 18.94 -4.90
CA HIS A 60 -6.13 20.36 -4.54
C HIS A 60 -6.12 21.17 -5.83
N GLN A 61 -7.07 20.93 -6.71
CA GLN A 61 -7.25 21.75 -7.94
C GLN A 61 -8.73 21.75 -8.32
N GLU A 62 -9.15 22.80 -9.01
CA GLU A 62 -10.58 23.14 -9.24
C GLU A 62 -11.06 22.41 -10.51
N ASP A 63 -10.16 22.22 -11.48
CA ASP A 63 -10.35 21.45 -12.74
C ASP A 63 -11.03 20.11 -12.42
N ASN A 64 -10.25 19.11 -11.98
CA ASN A 64 -10.71 17.73 -11.70
C ASN A 64 -9.94 17.22 -10.50
N ASP A 65 -10.60 16.91 -9.37
CA ASP A 65 -9.90 16.58 -8.10
C ASP A 65 -9.68 15.06 -7.95
N TYR A 66 -9.90 14.29 -9.01
CA TYR A 66 -10.04 12.81 -8.90
C TYR A 66 -8.68 12.11 -9.09
N ILE A 67 -8.37 11.17 -8.17
CA ILE A 67 -7.29 10.15 -8.29
C ILE A 67 -7.82 8.85 -7.69
N ASN A 68 -7.45 7.72 -8.27
CA ASN A 68 -7.74 6.38 -7.69
C ASN A 68 -6.82 6.11 -6.49
N ALA A 69 -7.23 6.60 -5.31
CA ALA A 69 -6.49 6.53 -4.04
C ALA A 69 -7.48 6.71 -2.87
N SER A 70 -7.24 5.96 -1.79
CA SER A 70 -8.09 5.96 -0.57
C SER A 70 -7.25 6.18 0.69
N LEU A 71 -7.81 6.90 1.67
CA LEU A 71 -7.23 7.05 3.04
C LEU A 71 -7.74 5.95 3.97
N ILE A 72 -6.90 5.02 4.40
CA ILE A 72 -7.24 3.97 5.38
C ILE A 72 -6.84 4.50 6.78
N LYS A 73 -7.80 4.86 7.67
CA LYS A 73 -7.49 5.44 9.01
C LYS A 73 -7.77 4.43 10.13
N MET A 74 -6.73 3.93 10.79
CA MET A 74 -6.91 2.83 11.79
C MET A 74 -6.86 3.52 13.18
N GLU A 75 -8.03 3.72 13.78
CA GLU A 75 -8.22 4.57 14.97
C GLU A 75 -7.49 3.99 16.20
N GLU A 76 -7.71 2.73 16.55
CA GLU A 76 -7.05 2.09 17.73
C GLU A 76 -5.53 1.93 17.54
N ALA A 77 -5.06 1.55 16.35
CA ALA A 77 -3.61 1.41 16.09
C ALA A 77 -2.94 2.78 15.96
N GLN A 78 -3.68 3.87 15.70
CA GLN A 78 -3.10 5.22 15.46
C GLN A 78 -2.15 5.17 14.24
N ARG A 79 -2.56 4.54 13.14
CA ARG A 79 -1.80 4.56 11.84
C ARG A 79 -2.76 4.97 10.73
N SER A 80 -2.27 5.73 9.75
CA SER A 80 -2.96 6.07 8.48
C SER A 80 -2.11 5.60 7.29
N TYR A 81 -2.74 5.09 6.23
CA TYR A 81 -2.08 4.69 4.95
C TYR A 81 -2.92 5.27 3.82
N ILE A 82 -2.26 5.71 2.75
CA ILE A 82 -2.93 5.93 1.46
C ILE A 82 -2.64 4.74 0.57
N LEU A 83 -3.68 4.01 0.14
CA LEU A 83 -3.54 2.90 -0.85
C LEU A 83 -4.00 3.37 -2.22
N THR A 84 -3.19 3.16 -3.27
CA THR A 84 -3.46 3.70 -4.62
C THR A 84 -3.05 2.65 -5.66
N GLN A 85 -3.51 2.81 -6.87
CA GLN A 85 -3.13 1.94 -8.03
C GLN A 85 -1.70 2.36 -8.48
N GLY A 86 -1.01 1.50 -9.20
CA GLY A 86 0.19 1.89 -9.97
C GLY A 86 -0.18 3.02 -10.94
N PRO A 87 0.58 4.12 -10.97
CA PRO A 87 0.25 5.22 -11.84
C PRO A 87 0.22 4.82 -13.33
N LEU A 88 -0.66 5.49 -14.05
CA LEU A 88 -0.84 5.40 -15.51
C LEU A 88 -0.04 6.53 -16.20
N PRO A 89 0.20 6.38 -17.52
CA PRO A 89 0.91 7.40 -18.29
C PRO A 89 0.26 8.77 -18.11
N ASN A 90 -1.07 8.86 -18.06
CA ASN A 90 -1.67 10.20 -17.83
C ASN A 90 -1.91 10.55 -16.34
N THR A 91 -1.52 9.74 -15.36
CA THR A 91 -1.71 10.10 -13.93
C THR A 91 -0.39 10.22 -13.15
N VAL A 92 0.78 10.14 -13.81
CA VAL A 92 2.07 10.27 -13.08
C VAL A 92 2.15 11.65 -12.41
N GLY A 93 1.70 12.71 -13.07
CA GLY A 93 1.74 14.07 -12.47
C GLY A 93 0.78 14.19 -11.27
N HIS A 94 -0.43 13.62 -11.37
CA HIS A 94 -1.44 13.53 -10.26
C HIS A 94 -0.82 12.80 -9.06
N PHE A 95 -0.15 11.66 -9.31
CA PHE A 95 0.49 10.85 -8.24
C PHE A 95 1.42 11.74 -7.39
N TRP A 96 2.32 12.51 -8.03
CA TRP A 96 3.36 13.25 -7.30
C TRP A 96 2.70 14.49 -6.66
N GLU A 97 1.68 15.05 -7.30
CA GLU A 97 0.83 16.11 -6.69
C GLU A 97 0.24 15.62 -5.35
N MET A 98 -0.28 14.39 -5.31
CA MET A 98 -0.86 13.80 -4.09
C MET A 98 0.23 13.67 -3.04
N VAL A 99 1.39 13.08 -3.39
CA VAL A 99 2.53 12.92 -2.44
C VAL A 99 2.86 14.29 -1.82
N TRP A 100 2.92 15.34 -2.64
CA TRP A 100 3.24 16.72 -2.20
C TRP A 100 2.15 17.24 -1.22
N GLU A 101 0.91 17.20 -1.67
CA GLU A 101 -0.25 17.81 -0.93
C GLU A 101 -0.51 17.10 0.39
N GLN A 102 -0.29 15.79 0.47
CA GLN A 102 -0.57 15.00 1.69
C GLN A 102 0.64 14.97 2.64
N LYS A 103 1.80 15.49 2.23
CA LYS A 103 3.02 15.59 3.09
C LYS A 103 3.62 14.23 3.42
N SER A 104 3.47 13.28 2.52
CA SER A 104 4.05 11.95 2.70
C SER A 104 5.58 12.03 2.67
N ARG A 105 6.25 11.15 3.41
CA ARG A 105 7.73 11.01 3.52
C ARG A 105 8.19 9.75 2.77
N GLY A 106 7.32 8.77 2.57
CA GLY A 106 7.68 7.49 1.91
C GLY A 106 6.67 7.10 0.85
N VAL A 107 7.15 6.41 -0.19
CA VAL A 107 6.34 5.66 -1.18
C VAL A 107 6.78 4.22 -1.08
N VAL A 108 5.85 3.30 -0.92
CA VAL A 108 6.08 1.83 -0.87
C VAL A 108 5.53 1.19 -2.17
N MET A 109 6.38 0.52 -2.96
CA MET A 109 6.06 -0.09 -4.27
C MET A 109 6.24 -1.61 -4.15
N LEU A 110 5.19 -2.42 -4.37
CA LEU A 110 5.26 -3.87 -4.14
C LEU A 110 5.23 -4.66 -5.46
N ASN A 111 5.39 -4.01 -6.60
CA ASN A 111 5.35 -4.68 -7.93
C ASN A 111 6.56 -4.25 -8.77
N ARG A 112 6.82 -4.98 -9.86
CA ARG A 112 7.78 -4.55 -10.92
C ARG A 112 6.98 -3.84 -12.00
N VAL A 113 7.64 -2.94 -12.74
CA VAL A 113 7.05 -2.20 -13.88
C VAL A 113 6.53 -3.19 -14.95
N MET A 114 7.27 -4.25 -15.23
CA MET A 114 6.75 -5.36 -16.10
C MET A 114 6.65 -6.66 -15.29
N GLU A 115 5.51 -7.34 -15.38
CA GLU A 115 5.33 -8.70 -14.78
C GLU A 115 4.47 -9.51 -15.77
N LYS A 116 4.72 -10.81 -15.86
CA LYS A 116 3.97 -11.71 -16.80
C LYS A 116 4.00 -11.14 -18.24
N GLY A 117 5.08 -10.46 -18.63
CA GLY A 117 5.24 -9.85 -19.97
C GLY A 117 4.36 -8.65 -20.30
N SER A 118 3.70 -8.00 -19.33
CA SER A 118 2.80 -6.85 -19.56
C SER A 118 3.19 -5.70 -18.61
N LEU A 119 2.82 -4.48 -18.94
CA LEU A 119 3.14 -3.31 -18.09
C LEU A 119 2.14 -3.21 -16.93
N LYS A 120 2.62 -3.19 -15.70
CA LYS A 120 1.77 -3.13 -14.48
C LYS A 120 1.71 -1.71 -13.90
N CYS A 121 2.66 -0.85 -14.27
CA CYS A 121 2.63 0.58 -13.91
C CYS A 121 3.68 1.37 -14.69
N ALA A 122 3.48 2.68 -14.78
CA ALA A 122 4.34 3.58 -15.55
C ALA A 122 5.71 3.67 -14.83
N GLN A 123 6.76 3.98 -15.60
CA GLN A 123 8.10 4.27 -15.08
C GLN A 123 8.03 5.69 -14.51
N TYR A 124 7.63 5.88 -13.24
CA TYR A 124 7.17 7.19 -12.70
C TYR A 124 8.28 7.91 -11.92
N TRP A 125 9.48 7.31 -11.84
CA TRP A 125 10.64 7.92 -11.13
C TRP A 125 11.90 7.86 -12.03
N PRO A 126 12.87 8.78 -11.87
CA PRO A 126 14.09 8.83 -12.71
C PRO A 126 15.10 7.73 -12.36
N GLN A 127 15.76 7.20 -13.39
CA GLN A 127 16.66 6.03 -13.26
C GLN A 127 18.14 6.50 -13.21
N LYS A 128 18.41 7.72 -13.58
CA LYS A 128 19.78 8.29 -13.57
C LYS A 128 19.79 9.66 -12.94
N GLU A 129 20.81 9.92 -12.12
CA GLU A 129 20.97 11.21 -11.39
C GLU A 129 20.83 12.38 -12.36
N GLU A 130 21.54 12.31 -13.49
CA GLU A 130 21.66 13.50 -14.37
C GLU A 130 20.47 13.62 -15.34
N LYS A 131 19.44 12.77 -15.27
CA LYS A 131 18.23 12.86 -16.15
C LYS A 131 16.96 12.99 -15.28
N GLU A 132 16.70 14.18 -14.79
CA GLU A 132 15.56 14.45 -13.89
C GLU A 132 14.24 14.43 -14.70
N MET A 133 13.09 14.36 -14.01
CA MET A 133 11.74 14.33 -14.64
C MET A 133 11.02 15.60 -14.23
N ILE A 134 10.33 16.19 -15.18
CA ILE A 134 9.46 17.36 -14.97
C ILE A 134 8.03 16.94 -15.36
N PHE A 135 7.05 17.21 -14.49
CA PHE A 135 5.60 16.93 -14.68
C PHE A 135 4.94 18.29 -14.95
N GLU A 136 4.75 18.64 -16.22
CA GLU A 136 4.33 20.02 -16.59
C GLU A 136 2.89 20.30 -16.14
N ASP A 137 2.00 19.29 -16.22
CA ASP A 137 0.56 19.42 -15.82
C ASP A 137 0.45 19.82 -14.33
N THR A 138 1.31 19.38 -13.41
CA THR A 138 1.23 19.68 -11.95
C THR A 138 2.41 20.55 -11.46
N ASN A 139 3.34 20.94 -12.33
CA ASN A 139 4.44 21.90 -11.99
C ASN A 139 5.36 21.34 -10.89
N LEU A 140 5.84 20.10 -11.05
CA LEU A 140 6.77 19.41 -10.11
C LEU A 140 8.03 18.93 -10.86
N LYS A 141 9.16 18.85 -10.15
CA LYS A 141 10.42 18.25 -10.64
C LYS A 141 10.88 17.20 -9.65
N LEU A 142 11.35 16.07 -10.19
CA LEU A 142 11.76 14.88 -9.43
C LEU A 142 13.19 14.51 -9.89
N THR A 143 14.12 14.40 -8.95
CA THR A 143 15.54 14.01 -9.19
C THR A 143 15.93 12.78 -8.37
N LEU A 144 16.62 11.82 -8.99
CA LEU A 144 17.23 10.70 -8.26
C LEU A 144 18.49 11.22 -7.54
N ILE A 145 18.57 11.03 -6.22
CA ILE A 145 19.69 11.52 -5.37
C ILE A 145 20.66 10.35 -5.14
N SER A 146 20.13 9.16 -4.87
CA SER A 146 20.93 7.94 -4.59
C SER A 146 20.05 6.69 -4.60
N GLU A 147 20.69 5.53 -4.79
CA GLU A 147 20.06 4.18 -4.82
C GLU A 147 20.89 3.25 -3.93
N ASP A 148 20.23 2.32 -3.24
CA ASP A 148 20.85 1.22 -2.46
C ASP A 148 20.14 -0.08 -2.85
N ILE A 149 20.73 -0.85 -3.77
CA ILE A 149 20.13 -2.10 -4.33
C ILE A 149 20.53 -3.30 -3.49
N LYS A 150 19.56 -4.00 -2.90
CA LYS A 150 19.80 -5.22 -2.10
C LYS A 150 19.17 -6.39 -2.82
N SER A 151 19.26 -7.58 -2.23
CA SER A 151 18.80 -8.83 -2.86
C SER A 151 17.26 -8.86 -2.97
N TYR A 152 16.51 -8.30 -2.02
CA TYR A 152 15.04 -8.49 -1.99
C TYR A 152 14.29 -7.16 -2.20
N TYR A 153 15.01 -6.04 -2.14
CA TYR A 153 14.43 -4.68 -2.21
C TYR A 153 15.53 -3.68 -2.54
N THR A 154 15.12 -2.49 -2.99
CA THR A 154 15.98 -1.32 -3.29
C THR A 154 15.41 -0.08 -2.59
N VAL A 155 16.27 0.74 -1.99
CA VAL A 155 15.90 2.04 -1.34
C VAL A 155 16.54 3.16 -2.14
N ARG A 156 15.85 4.30 -2.27
CA ARG A 156 16.39 5.47 -3.00
C ARG A 156 15.88 6.76 -2.37
N GLN A 157 16.64 7.85 -2.57
CA GLN A 157 16.28 9.20 -2.14
C GLN A 157 15.89 9.99 -3.38
N LEU A 158 14.65 10.44 -3.44
CA LEU A 158 14.11 11.32 -4.50
C LEU A 158 14.01 12.73 -3.90
N GLU A 159 14.42 13.75 -4.67
CA GLU A 159 14.17 15.15 -4.31
C GLU A 159 12.97 15.61 -5.16
N LEU A 160 11.89 16.00 -4.48
CA LEU A 160 10.65 16.53 -5.13
C LEU A 160 10.63 18.03 -4.89
N GLU A 161 10.52 18.78 -5.98
CA GLU A 161 10.53 20.26 -5.96
C GLU A 161 9.20 20.79 -6.48
N ASN A 162 8.58 21.63 -5.68
CA ASN A 162 7.36 22.37 -6.08
C ASN A 162 7.80 23.57 -6.90
N LEU A 163 7.71 23.50 -8.23
CA LEU A 163 8.32 24.51 -9.13
C LEU A 163 7.64 25.87 -8.94
N THR A 164 6.44 25.88 -8.34
CA THR A 164 5.64 27.10 -8.07
C THR A 164 6.26 27.94 -6.95
N THR A 165 6.78 27.31 -5.90
CA THR A 165 7.30 27.95 -4.65
C THR A 165 8.81 27.70 -4.48
N GLN A 166 9.37 26.73 -5.19
CA GLN A 166 10.81 26.36 -5.10
C GLN A 166 11.10 25.70 -3.75
N GLU A 167 10.09 25.29 -2.98
CA GLU A 167 10.33 24.36 -1.85
C GLU A 167 10.74 22.99 -2.40
N THR A 168 11.57 22.26 -1.66
CA THR A 168 11.97 20.88 -1.96
C THR A 168 11.72 20.02 -0.73
N ARG A 169 11.54 18.72 -0.93
CA ARG A 169 11.47 17.72 0.15
C ARG A 169 12.17 16.45 -0.31
N GLU A 170 12.71 15.69 0.64
CA GLU A 170 13.32 14.37 0.37
C GLU A 170 12.22 13.29 0.58
N ILE A 171 11.94 12.51 -0.46
CA ILE A 171 10.99 11.35 -0.43
C ILE A 171 11.82 10.08 -0.50
N LEU A 172 11.53 9.09 0.35
CA LEU A 172 12.19 7.76 0.30
C LEU A 172 11.27 6.78 -0.44
N HIS A 173 11.77 6.16 -1.51
CA HIS A 173 11.05 5.11 -2.29
C HIS A 173 11.54 3.73 -1.86
N PHE A 174 10.67 2.94 -1.23
CA PHE A 174 10.94 1.53 -0.80
C PHE A 174 10.31 0.59 -1.82
N HIS A 175 11.14 -0.14 -2.58
CA HIS A 175 10.70 -0.97 -3.73
C HIS A 175 10.98 -2.42 -3.42
N TYR A 176 9.93 -3.18 -3.11
CA TYR A 176 10.04 -4.64 -2.90
C TYR A 176 10.05 -5.29 -4.30
N THR A 177 11.14 -5.93 -4.70
CA THR A 177 11.40 -6.31 -6.12
C THR A 177 11.24 -7.82 -6.34
N THR A 178 10.95 -8.63 -5.33
CA THR A 178 11.00 -10.11 -5.47
C THR A 178 9.68 -10.85 -5.21
N TRP A 179 8.54 -10.14 -5.15
CA TRP A 179 7.22 -10.85 -5.07
C TRP A 179 7.05 -11.63 -6.37
N PRO A 180 6.77 -12.95 -6.33
CA PRO A 180 6.70 -13.77 -7.55
C PRO A 180 5.52 -13.41 -8.49
N ASP A 181 5.72 -13.61 -9.80
CA ASP A 181 4.69 -13.33 -10.84
C ASP A 181 3.39 -14.09 -10.50
N PHE A 182 3.46 -15.34 -10.00
CA PHE A 182 2.25 -16.12 -9.58
C PHE A 182 2.34 -16.51 -8.09
N GLY A 183 1.20 -16.59 -7.40
CA GLY A 183 1.17 -16.97 -5.98
C GLY A 183 1.78 -15.92 -5.03
N VAL A 184 2.25 -16.37 -3.87
CA VAL A 184 2.76 -15.50 -2.76
C VAL A 184 4.13 -16.05 -2.38
N PRO A 185 5.01 -15.31 -1.68
CA PRO A 185 6.30 -15.86 -1.27
C PRO A 185 6.11 -17.12 -0.39
N GLU A 186 7.06 -18.04 -0.45
CA GLU A 186 7.02 -19.28 0.34
C GLU A 186 7.27 -19.01 1.84
N SER A 187 8.20 -18.12 2.16
CA SER A 187 8.49 -17.62 3.53
C SER A 187 8.19 -16.11 3.62
N PRO A 188 7.66 -15.60 4.76
CA PRO A 188 7.44 -14.17 4.94
C PRO A 188 8.65 -13.43 5.47
N ALA A 189 9.80 -14.11 5.57
CA ALA A 189 10.98 -13.53 6.22
C ALA A 189 11.40 -12.24 5.49
N SER A 190 11.48 -12.27 4.16
CA SER A 190 12.01 -11.09 3.40
C SER A 190 10.97 -9.96 3.39
N PHE A 191 9.68 -10.27 3.30
CA PHE A 191 8.58 -9.26 3.42
C PHE A 191 8.61 -8.55 4.80
N LEU A 192 8.74 -9.29 5.91
CA LEU A 192 8.84 -8.69 7.28
C LEU A 192 10.10 -7.86 7.40
N ASN A 193 11.27 -8.37 6.95
CA ASN A 193 12.51 -7.54 6.89
C ASN A 193 12.22 -6.18 6.22
N PHE A 194 11.51 -6.20 5.08
CA PHE A 194 11.19 -4.98 4.30
C PHE A 194 10.31 -4.05 5.14
N LEU A 195 9.28 -4.60 5.75
CA LEU A 195 8.31 -3.78 6.58
C LEU A 195 9.10 -3.10 7.71
N PHE A 196 10.04 -3.80 8.35
CA PHE A 196 10.84 -3.18 9.45
C PHE A 196 11.78 -2.11 8.92
N LYS A 197 12.24 -2.22 7.68
CA LYS A 197 13.04 -1.13 7.04
C LYS A 197 12.19 0.11 6.78
N VAL A 198 10.95 -0.07 6.29
CA VAL A 198 10.07 1.12 6.13
C VAL A 198 9.85 1.77 7.53
N ARG A 199 9.50 0.97 8.52
CA ARG A 199 9.23 1.52 9.88
C ARG A 199 10.43 2.35 10.38
N GLU A 200 11.63 1.73 10.31
CA GLU A 200 12.88 2.28 10.89
C GLU A 200 13.21 3.63 10.22
N SER A 201 12.63 3.91 9.05
CA SER A 201 12.89 5.13 8.23
C SER A 201 12.09 6.34 8.72
N GLY A 202 11.07 6.12 9.56
CA GLY A 202 10.15 7.20 10.02
C GLY A 202 8.97 7.45 9.06
N SER A 203 8.89 6.76 7.93
CA SER A 203 7.83 6.97 6.90
C SER A 203 6.42 6.66 7.45
N LEU A 204 6.29 5.79 8.47
CA LEU A 204 4.94 5.34 8.97
C LEU A 204 4.55 6.14 10.22
N SER A 205 5.35 7.13 10.60
CA SER A 205 5.24 7.80 11.92
C SER A 205 4.36 9.07 11.85
N PRO A 206 3.71 9.46 12.97
CA PRO A 206 2.73 10.55 12.94
C PRO A 206 3.29 11.94 12.66
N GLU A 207 4.60 12.12 12.72
CA GLU A 207 5.16 13.45 12.36
C GLU A 207 5.14 13.70 10.83
N HIS A 208 4.79 12.73 9.99
CA HIS A 208 4.67 12.94 8.53
C HIS A 208 3.20 12.72 8.13
N GLY A 209 2.83 13.11 6.92
CA GLY A 209 1.64 12.62 6.25
C GLY A 209 1.66 11.10 6.06
N PRO A 210 0.52 10.50 5.68
CA PRO A 210 0.43 9.06 5.51
C PRO A 210 1.38 8.59 4.39
N VAL A 211 1.99 7.44 4.61
CA VAL A 211 2.75 6.67 3.60
C VAL A 211 1.83 6.38 2.39
N VAL A 212 2.37 6.50 1.16
CA VAL A 212 1.63 6.09 -0.07
C VAL A 212 2.04 4.66 -0.41
N VAL A 213 1.09 3.72 -0.43
CA VAL A 213 1.38 2.31 -0.79
C VAL A 213 0.67 1.86 -2.09
N HIS A 214 1.38 1.19 -2.99
CA HIS A 214 0.77 0.70 -4.25
C HIS A 214 1.36 -0.62 -4.75
N CYS A 215 0.55 -1.33 -5.54
CA CYS A 215 0.99 -2.48 -6.36
C CYS A 215 0.46 -2.20 -7.77
N SER A 216 -0.18 -3.14 -8.46
CA SER A 216 -0.84 -2.76 -9.74
C SER A 216 -2.25 -2.16 -9.49
N ALA A 217 -3.14 -2.88 -8.80
CA ALA A 217 -4.51 -2.37 -8.50
C ALA A 217 -4.56 -1.61 -7.17
N GLY A 218 -3.58 -1.77 -6.28
CA GLY A 218 -3.61 -1.11 -4.96
C GLY A 218 -4.58 -1.79 -3.96
N ILE A 219 -4.78 -3.10 -4.06
CA ILE A 219 -5.67 -3.82 -3.10
C ILE A 219 -5.06 -5.12 -2.59
N GLY A 220 -4.27 -5.84 -3.40
CA GLY A 220 -3.80 -7.19 -3.05
C GLY A 220 -2.55 -7.21 -2.18
N ARG A 221 -1.37 -7.13 -2.81
CA ARG A 221 -0.06 -6.97 -2.07
C ARG A 221 -0.14 -5.75 -1.13
N SER A 222 -0.68 -4.64 -1.59
CA SER A 222 -0.87 -3.39 -0.80
C SER A 222 -1.68 -3.70 0.46
N GLY A 223 -2.78 -4.44 0.31
CA GLY A 223 -3.62 -4.92 1.43
C GLY A 223 -2.83 -5.71 2.46
N THR A 224 -1.98 -6.60 1.99
CA THR A 224 -1.12 -7.46 2.84
C THR A 224 -0.19 -6.60 3.70
N PHE A 225 0.46 -5.61 3.08
CA PHE A 225 1.43 -4.72 3.75
C PHE A 225 0.71 -4.02 4.94
N CYS A 226 -0.44 -3.35 4.72
CA CYS A 226 -1.06 -2.55 5.81
C CYS A 226 -1.74 -3.45 6.86
N LEU A 227 -2.32 -4.58 6.47
CA LEU A 227 -2.92 -5.55 7.43
C LEU A 227 -1.82 -6.09 8.39
N ALA A 228 -0.67 -6.50 7.86
CA ALA A 228 0.40 -7.07 8.72
C ALA A 228 0.90 -5.98 9.65
N ASP A 229 1.20 -4.77 9.16
CA ASP A 229 1.72 -3.66 9.99
C ASP A 229 0.74 -3.40 11.17
N THR A 230 -0.55 -3.16 10.87
CA THR A 230 -1.60 -2.80 11.86
C THR A 230 -1.74 -3.94 12.87
N CYS A 231 -1.78 -5.19 12.45
CA CYS A 231 -1.97 -6.33 13.39
C CYS A 231 -0.77 -6.42 14.38
N LEU A 232 0.45 -6.27 13.91
CA LEU A 232 1.66 -6.34 14.81
C LEU A 232 1.68 -5.14 15.77
N LEU A 233 1.24 -3.95 15.34
CA LEU A 233 1.18 -2.75 16.20
C LEU A 233 0.14 -2.97 17.32
N LEU A 234 -1.04 -3.53 16.99
CA LEU A 234 -2.08 -3.83 18.00
C LEU A 234 -1.60 -4.88 19.02
N MET A 235 -0.83 -5.88 18.58
CA MET A 235 -0.25 -6.90 19.50
C MET A 235 0.77 -6.25 20.46
N ASP A 236 1.50 -5.21 20.08
CA ASP A 236 2.41 -4.40 20.93
C ASP A 236 1.64 -3.59 22.00
N LYS A 237 0.49 -3.04 21.64
CA LYS A 237 -0.24 -2.01 22.40
C LYS A 237 -1.15 -2.68 23.43
N ARG A 238 -1.77 -3.82 23.14
CA ARG A 238 -2.89 -4.37 23.99
C ARG A 238 -2.35 -5.22 25.16
N LYS A 239 -3.11 -5.32 26.24
CA LYS A 239 -2.70 -6.19 27.40
C LYS A 239 -2.75 -7.66 27.00
N ASP A 240 -3.67 -8.05 26.11
CA ASP A 240 -3.82 -9.47 25.68
C ASP A 240 -3.59 -9.53 24.17
N PRO A 241 -2.34 -9.78 23.72
CA PRO A 241 -2.02 -9.83 22.29
C PRO A 241 -2.78 -10.91 21.51
N SER A 242 -3.28 -11.91 22.22
CA SER A 242 -4.07 -13.03 21.64
C SER A 242 -5.49 -12.58 21.28
N SER A 243 -6.00 -11.44 21.78
CA SER A 243 -7.26 -10.79 21.37
C SER A 243 -7.22 -10.24 19.92
N VAL A 244 -6.06 -10.21 19.25
CA VAL A 244 -5.99 -9.51 17.93
C VAL A 244 -6.61 -10.47 16.90
N ASP A 245 -7.70 -10.06 16.29
CA ASP A 245 -8.46 -10.93 15.34
C ASP A 245 -8.21 -10.42 13.91
N ILE A 246 -7.41 -11.12 13.14
CA ILE A 246 -6.92 -10.58 11.82
C ILE A 246 -8.11 -10.40 10.86
N LYS A 247 -9.09 -11.28 10.90
CA LYS A 247 -10.29 -11.20 10.03
C LYS A 247 -11.09 -9.93 10.38
N LYS A 248 -11.23 -9.61 11.68
CA LYS A 248 -11.90 -8.34 12.07
C LYS A 248 -11.09 -7.11 11.69
N VAL A 249 -9.77 -7.15 11.78
CA VAL A 249 -8.98 -5.96 11.33
C VAL A 249 -9.18 -5.77 9.83
N LEU A 250 -9.16 -6.86 9.05
CA LEU A 250 -9.33 -6.78 7.57
C LEU A 250 -10.70 -6.19 7.23
N LEU A 251 -11.76 -6.60 7.93
CA LEU A 251 -13.11 -6.03 7.63
C LEU A 251 -13.18 -4.54 7.98
N GLU A 252 -12.52 -4.11 9.06
CA GLU A 252 -12.43 -2.66 9.39
C GLU A 252 -11.74 -1.91 8.23
N MET A 253 -10.62 -2.43 7.72
CA MET A 253 -9.84 -1.77 6.63
C MET A 253 -10.70 -1.71 5.35
N ARG A 254 -11.50 -2.75 5.10
CA ARG A 254 -12.40 -2.82 3.91
C ARG A 254 -13.56 -1.84 4.03
N LYS A 255 -13.75 -1.17 5.17
CA LYS A 255 -14.70 -0.02 5.19
C LYS A 255 -14.14 1.16 4.41
N PHE A 256 -12.81 1.20 4.17
CA PHE A 256 -12.14 2.37 3.57
C PHE A 256 -11.69 2.14 2.10
N ARG A 257 -11.43 0.91 1.68
CA ARG A 257 -11.13 0.59 0.26
C ARG A 257 -11.63 -0.82 0.01
N MET A 258 -12.30 -1.03 -1.12
CA MET A 258 -12.84 -2.34 -1.53
C MET A 258 -11.71 -3.34 -1.87
N GLY A 259 -11.96 -4.62 -1.61
CA GLY A 259 -11.22 -5.74 -2.25
C GLY A 259 -9.85 -6.06 -1.62
N LEU A 260 -9.50 -5.43 -0.49
CA LEU A 260 -8.18 -5.60 0.14
C LEU A 260 -7.97 -7.08 0.47
N ILE A 261 -6.87 -7.65 -0.02
CA ILE A 261 -6.56 -9.11 -0.01
C ILE A 261 -7.38 -9.79 -1.11
N GLN A 262 -6.74 -10.16 -2.20
CA GLN A 262 -7.45 -10.52 -3.47
C GLN A 262 -7.71 -12.03 -3.60
N THR A 263 -7.00 -12.87 -2.86
CA THR A 263 -7.04 -14.35 -2.97
C THR A 263 -6.95 -14.99 -1.58
N ALA A 264 -7.38 -16.26 -1.47
CA ALA A 264 -7.24 -17.10 -0.27
C ALA A 264 -5.77 -17.35 0.07
N ASP A 265 -4.88 -17.46 -0.92
CA ASP A 265 -3.43 -17.56 -0.66
C ASP A 265 -2.84 -16.28 -0.03
N GLN A 266 -3.27 -15.08 -0.46
CA GLN A 266 -2.84 -13.80 0.16
C GLN A 266 -3.35 -13.74 1.63
N LEU A 267 -4.55 -14.26 1.91
CA LEU A 267 -5.09 -14.29 3.30
C LEU A 267 -4.19 -15.18 4.17
N ARG A 268 -3.88 -16.38 3.68
CA ARG A 268 -2.98 -17.33 4.42
C ARG A 268 -1.60 -16.72 4.63
N PHE A 269 -1.00 -16.12 3.59
CA PHE A 269 0.31 -15.43 3.72
C PHE A 269 0.26 -14.33 4.81
N SER A 270 -0.84 -13.56 4.90
CA SER A 270 -1.02 -12.47 5.90
C SER A 270 -0.96 -13.07 7.31
N TYR A 271 -1.68 -14.16 7.56
CA TYR A 271 -1.61 -14.90 8.86
C TYR A 271 -0.15 -15.31 9.15
N LEU A 272 0.50 -15.94 8.18
CA LEU A 272 1.91 -16.41 8.36
C LEU A 272 2.81 -15.26 8.76
N ALA A 273 2.71 -14.11 8.06
CA ALA A 273 3.57 -12.93 8.31
C ALA A 273 3.33 -12.41 9.73
N VAL A 274 2.08 -12.29 10.16
CA VAL A 274 1.75 -11.77 11.53
C VAL A 274 2.27 -12.76 12.58
N ILE A 275 2.03 -14.06 12.40
CA ILE A 275 2.46 -15.12 13.36
C ILE A 275 3.99 -15.09 13.50
N GLU A 276 4.72 -15.03 12.38
CA GLU A 276 6.20 -15.01 12.43
C GLU A 276 6.70 -13.68 12.96
N GLY A 277 6.07 -12.56 12.58
CA GLY A 277 6.56 -11.25 13.04
C GLY A 277 6.39 -11.07 14.55
N ALA A 278 5.34 -11.66 15.14
CA ALA A 278 5.01 -11.54 16.59
C ALA A 278 6.18 -12.10 17.42
N LYS A 279 6.89 -13.10 16.92
CA LYS A 279 8.08 -13.68 17.61
C LYS A 279 9.25 -12.67 17.68
N PHE A 280 9.12 -11.44 17.16
CA PHE A 280 9.98 -10.27 17.51
C PHE A 280 9.24 -9.34 18.49
N ILE A 281 8.02 -8.89 18.12
CA ILE A 281 7.14 -7.93 18.88
C ILE A 281 7.00 -8.37 20.36
N MET A 282 7.03 -9.68 20.67
CA MET A 282 6.86 -10.21 22.04
C MET A 282 8.22 -10.57 22.68
N GLY A 283 9.30 -9.88 22.28
CA GLY A 283 10.49 -9.64 23.13
C GLY A 283 11.76 -10.32 22.65
N ASP A 284 11.80 -10.75 21.39
CA ASP A 284 12.94 -11.58 20.93
C ASP A 284 13.86 -10.73 20.02
C TRS B . -15.11 10.12 6.79
C1 TRS B . -15.08 8.73 6.13
C2 TRS B . -15.13 10.00 8.32
C3 TRS B . -16.32 10.91 6.30
N TRS B . -13.88 10.91 6.37
O1 TRS B . -13.74 8.22 5.98
O2 TRS B . -14.66 8.73 8.77
O3 TRS B . -16.29 11.10 4.87
H11 TRS B . -15.49 8.79 5.24
H12 TRS B . -15.60 8.09 6.66
H21 TRS B . -16.04 10.15 8.65
H22 TRS B . -14.55 10.70 8.70
H31 TRS B . -16.33 11.77 6.75
H32 TRS B . -17.13 10.42 6.55
HN1 TRS B . -14.09 11.78 6.24
HN2 TRS B . -13.54 10.58 5.60
HN3 TRS B . -13.23 10.87 7.02
HO1 TRS B . -13.66 7.37 5.50
HO2 TRS B . -14.41 8.46 9.46
HO3 TRS B . -15.50 11.07 4.57
C13 A1ABH C . 17.35 4.00 4.49
C15 A1ABH C . 15.80 4.62 6.26
C17 A1ABH C . 16.55 6.27 4.67
C02 A1ABH C . 19.20 5.23 0.01
C03 A1ABH C . 19.75 5.38 -1.29
C04 A1ABH C . 21.14 5.35 -1.45
C05 A1ABH C . 21.94 5.15 -0.33
C06 A1ABH C . 21.35 5.00 0.93
C08 A1ABH C . 19.96 5.03 1.19
C09 A1ABH C . 19.35 4.87 2.59
C11 A1ABH C . 18.16 3.01 3.81
C14 A1ABH C . 16.57 3.67 5.61
C16 A1ABH C . 15.81 5.92 5.79
C18 A1ABH C . 17.35 5.31 3.99
F01 A1ABH C . 17.87 5.26 0.12
N10 A1ABH C . 19.13 3.44 2.88
N19 A1ABH C . 18.11 5.61 2.89
O12 A1ABH C . 18.06 1.81 4.01
CL07 A1ABH C . 22.43 4.77 2.22
H151 A1ABH C . 15.21 4.36 7.13
H171 A1ABH C . 16.51 7.32 4.35
H031 A1ABH C . 19.12 5.53 -2.17
H041 A1ABH C . 21.59 5.45 -2.44
H051 A1ABH C . 23.02 5.12 -0.47
H091 A1ABH C . 20.11 5.28 3.33
H141 A1ABH C . 16.56 2.66 6.02
H161 A1ABH C . 15.19 6.67 6.30
H101 A1ABH C . 19.71 2.75 2.41
H191 A1ABH C . 17.97 6.50 2.43
#